data_6N5H
#
_entry.id   6N5H
#
_cell.length_a   50.243
_cell.length_b   77.916
_cell.length_c   85.746
_cell.angle_alpha   90.000
_cell.angle_beta   90.000
_cell.angle_gamma   90.000
#
_symmetry.space_group_name_H-M   'P 21 21 21'
#
loop_
_entity.id
_entity.type
_entity.pdbx_description
1 polymer 'Epoxide hydrolase TrEH'
2 non-polymer '4-[(trans-4-{[(3s,5s,7s)-tricyclo[3.3.1.1~3,7~]dec-1-ylcarbamoyl]amino}cyclohexyl)oxy]benzoic acid'
3 water water
#
_entity_poly.entity_id   1
_entity_poly.type   'polypeptide(L)'
_entity_poly.pdbx_seq_one_letter_code
;MDTSKLKPNDPRVKYETKQIRGKTYSYILGEPAGPKLETVVLVHGWPDMAFGWRHQIPYLMSLGFQVVAPNMLGYAGTDA
PRDLSQFTLKSVSADIAELARSFVGQDGQIVLGGHDWGGAVVWRTAYYHPELVKAVFSVCTPLHPLSAEYKPLEDIVAAG
HMLNFKYQLQLKGPDVEARIQGKDMLRRFFRAMFGGRGPNGEAGFSTSDGVHFDVLDKIGAPPLLDEQELEYYVEQYALQ
EAPELRGPLNWYRTRELNAKDEMDRAKNGPPLRFEMPALFVAASKDNALPPAMSKGMDAFYKDLTRAEVDATHWALTQAG
DEVNRVIGEWLNKALG
;
_entity_poly.pdbx_strand_id   A
#
loop_
_chem_comp.id
_chem_comp.type
_chem_comp.name
_chem_comp.formula
AUB non-polymer '4-[(trans-4-{[(3s,5s,7s)-tricyclo[3.3.1.1~3,7~]dec-1-ylcarbamoyl]amino}cyclohexyl)oxy]benzoic acid' 'C24 H32 N2 O4'
#
# COMPACT_ATOMS: atom_id res chain seq x y z
N MET A 1 14.03 -23.03 -4.66
CA MET A 1 13.03 -22.43 -5.54
C MET A 1 13.55 -21.19 -6.26
N ASP A 2 12.99 -20.92 -7.44
CA ASP A 2 13.24 -19.67 -8.15
C ASP A 2 12.79 -18.51 -7.28
N THR A 3 13.68 -17.52 -7.09
CA THR A 3 13.32 -16.32 -6.33
C THR A 3 13.15 -15.09 -7.20
N SER A 4 13.10 -15.25 -8.51
CA SER A 4 12.88 -14.08 -9.35
C SER A 4 11.46 -13.57 -9.15
N LYS A 5 11.22 -12.32 -9.54
CA LYS A 5 9.92 -11.69 -9.28
C LYS A 5 8.77 -12.51 -9.89
N LEU A 6 7.61 -12.46 -9.24
CA LEU A 6 6.41 -13.04 -9.84
C LEU A 6 6.15 -12.43 -11.20
N LYS A 7 5.83 -13.28 -12.18
CA LYS A 7 5.25 -12.78 -13.43
C LYS A 7 3.73 -12.83 -13.33
N PRO A 8 3.02 -12.15 -14.24
CA PRO A 8 1.55 -12.25 -14.23
C PRO A 8 1.11 -13.70 -14.32
N ASN A 9 0.17 -14.08 -13.46
CA ASN A 9 -0.36 -15.44 -13.39
C ASN A 9 0.72 -16.44 -13.00
N ASP A 10 1.67 -15.98 -12.17
CA ASP A 10 2.79 -16.82 -11.78
C ASP A 10 2.32 -18.11 -11.13
N PRO A 11 2.92 -19.25 -11.47
CA PRO A 11 2.46 -20.53 -10.93
C PRO A 11 3.03 -20.87 -9.55
N ARG A 12 3.95 -20.08 -9.01
CA ARG A 12 4.56 -20.39 -7.72
C ARG A 12 3.65 -20.05 -6.54
N VAL A 13 2.54 -19.35 -6.80
CA VAL A 13 1.66 -18.88 -5.75
C VAL A 13 0.22 -19.25 -6.11
N LYS A 14 -0.65 -19.18 -5.11
CA LYS A 14 -2.07 -19.46 -5.29
C LYS A 14 -2.85 -18.15 -5.28
N TYR A 15 -4.01 -18.17 -5.94
CA TYR A 15 -4.89 -17.01 -6.04
C TYR A 15 -6.23 -17.43 -5.46
N GLU A 16 -6.64 -16.79 -4.37
CA GLU A 16 -7.78 -17.26 -3.59
C GLU A 16 -8.63 -16.07 -3.15
N THR A 17 -9.84 -16.38 -2.70
CA THR A 17 -10.67 -15.40 -2.02
C THR A 17 -11.16 -15.98 -0.72
N LYS A 18 -11.44 -15.09 0.23
CA LYS A 18 -12.10 -15.42 1.48
C LYS A 18 -13.09 -14.30 1.79
N GLN A 19 -14.21 -14.67 2.39
CA GLN A 19 -15.06 -13.66 3.01
C GLN A 19 -14.39 -13.16 4.28
N ILE A 20 -14.29 -11.84 4.39
CA ILE A 20 -13.58 -11.16 5.48
C ILE A 20 -14.43 -9.96 5.86
N ARG A 21 -15.02 -9.99 7.07
CA ARG A 21 -15.77 -8.87 7.62
C ARG A 21 -16.80 -8.34 6.63
N GLY A 22 -17.52 -9.26 5.99
CA GLY A 22 -18.62 -8.91 5.11
C GLY A 22 -18.26 -8.64 3.67
N LYS A 23 -16.97 -8.78 3.30
CA LYS A 23 -16.47 -8.47 1.96
C LYS A 23 -15.74 -9.68 1.41
N THR A 24 -15.79 -9.85 0.09
CA THR A 24 -14.88 -10.77 -0.56
C THR A 24 -13.50 -10.14 -0.68
N TYR A 25 -12.50 -10.75 -0.07
CA TYR A 25 -11.12 -10.34 -0.22
C TYR A 25 -10.39 -11.34 -1.09
N SER A 26 -9.74 -10.85 -2.15
CA SER A 26 -8.88 -11.69 -2.97
C SER A 26 -7.44 -11.48 -2.53
N TYR A 27 -6.61 -12.52 -2.67
CA TYR A 27 -5.22 -12.37 -2.25
C TYR A 27 -4.34 -13.35 -3.01
N ILE A 28 -3.04 -13.06 -2.96
CA ILE A 28 -2.00 -13.98 -3.36
C ILE A 28 -1.53 -14.71 -2.12
N LEU A 29 -1.41 -16.04 -2.22
CA LEU A 29 -0.90 -16.86 -1.13
C LEU A 29 0.31 -17.63 -1.62
N GLY A 30 1.47 -17.40 -0.99
CA GLY A 30 2.68 -18.13 -1.32
C GLY A 30 3.10 -19.00 -0.13
N GLU A 31 3.24 -20.30 -0.40
CA GLU A 31 3.62 -21.19 0.69
C GLU A 31 5.13 -21.25 0.83
N PRO A 32 5.61 -21.52 2.06
CA PRO A 32 7.04 -21.45 2.33
C PRO A 32 7.80 -22.62 1.71
N ALA A 33 9.05 -22.34 1.36
CA ALA A 33 10.05 -23.37 1.11
C ALA A 33 10.57 -23.87 2.45
N GLY A 34 10.41 -25.16 2.72
CA GLY A 34 10.76 -25.70 4.02
C GLY A 34 9.68 -25.42 5.03
N PRO A 35 9.96 -25.70 6.30
CA PRO A 35 8.94 -25.51 7.34
C PRO A 35 8.55 -24.04 7.47
N LYS A 36 7.27 -23.82 7.74
CA LYS A 36 6.78 -22.46 7.86
C LYS A 36 7.33 -21.82 9.14
N LEU A 37 8.10 -20.75 8.98
CA LEU A 37 8.69 -20.03 10.10
C LEU A 37 7.74 -18.95 10.63
N GLU A 38 7.19 -18.15 9.72
CA GLU A 38 6.20 -17.15 10.07
C GLU A 38 5.25 -16.99 8.90
N THR A 39 4.16 -16.27 9.14
CA THR A 39 3.31 -15.79 8.06
C THR A 39 3.52 -14.30 7.95
N VAL A 40 3.77 -13.83 6.73
CA VAL A 40 3.95 -12.42 6.42
C VAL A 40 2.73 -11.96 5.63
N VAL A 41 2.08 -10.91 6.10
CA VAL A 41 0.99 -10.27 5.35
C VAL A 41 1.54 -8.98 4.77
N LEU A 42 1.32 -8.77 3.47
CA LEU A 42 1.86 -7.63 2.75
C LEU A 42 0.72 -6.78 2.20
N VAL A 43 0.80 -5.46 2.38
CA VAL A 43 -0.31 -4.54 2.09
C VAL A 43 0.15 -3.46 1.12
N HIS A 44 -0.40 -3.47 -0.11
CA HIS A 44 -0.01 -2.53 -1.15
C HIS A 44 -0.73 -1.20 -0.98
N GLY A 45 -0.36 -0.23 -1.84
CA GLY A 45 -1.01 1.06 -1.84
C GLY A 45 -1.62 1.41 -3.18
N TRP A 46 -1.64 2.70 -3.50
CA TRP A 46 -2.36 3.23 -4.67
C TRP A 46 -1.37 3.68 -5.75
N PRO A 47 -1.69 3.45 -7.03
CA PRO A 47 -2.71 2.55 -7.57
C PRO A 47 -1.98 1.26 -7.91
N ASP A 48 -1.87 0.41 -6.90
CA ASP A 48 -1.12 -0.84 -7.01
C ASP A 48 -2.09 -1.98 -6.75
N MET A 49 -1.58 -3.16 -6.42
CA MET A 49 -2.38 -4.32 -6.09
C MET A 49 -1.43 -5.32 -5.46
N ALA A 50 -1.93 -6.51 -5.12
CA ALA A 50 -1.09 -7.51 -4.46
C ALA A 50 0.16 -7.82 -5.27
N PHE A 51 0.01 -7.84 -6.60
CA PHE A 51 1.11 -8.10 -7.52
C PHE A 51 2.24 -7.06 -7.40
N GLY A 52 1.97 -5.92 -6.78
CA GLY A 52 3.01 -4.94 -6.50
C GLY A 52 4.14 -5.47 -5.64
N TRP A 53 3.89 -6.54 -4.89
CA TRP A 53 4.88 -7.19 -4.06
C TRP A 53 5.61 -8.33 -4.79
N ARG A 54 5.53 -8.36 -6.12
CA ARG A 54 6.05 -9.48 -6.89
C ARG A 54 7.52 -9.77 -6.63
N HIS A 55 8.33 -8.75 -6.30
CA HIS A 55 9.74 -9.02 -6.01
C HIS A 55 9.90 -9.65 -4.63
N GLN A 56 9.10 -9.20 -3.67
CA GLN A 56 9.25 -9.63 -2.29
C GLN A 56 8.65 -11.01 -2.01
N ILE A 57 7.55 -11.36 -2.68
CA ILE A 57 6.80 -12.56 -2.31
C ILE A 57 7.65 -13.82 -2.47
N PRO A 58 8.24 -14.10 -3.63
CA PRO A 58 9.06 -15.34 -3.73
C PRO A 58 10.31 -15.29 -2.87
N TYR A 59 10.90 -14.12 -2.67
CA TYR A 59 12.06 -14.01 -1.78
C TYR A 59 11.69 -14.43 -0.37
N LEU A 60 10.58 -13.88 0.17
CA LEU A 60 10.16 -14.26 1.52
C LEU A 60 9.77 -15.73 1.59
N MET A 61 9.11 -16.26 0.56
CA MET A 61 8.82 -17.69 0.52
C MET A 61 10.10 -18.50 0.65
N SER A 62 11.15 -18.09 -0.07
CA SER A 62 12.38 -18.87 -0.07
C SER A 62 13.04 -18.89 1.30
N LEU A 63 12.76 -17.90 2.14
CA LEU A 63 13.28 -17.83 3.50
C LEU A 63 12.47 -18.64 4.50
N GLY A 64 11.40 -19.29 4.06
CA GLY A 64 10.55 -20.04 4.95
C GLY A 64 9.30 -19.32 5.42
N PHE A 65 8.87 -18.27 4.73
CA PHE A 65 7.68 -17.54 5.15
C PHE A 65 6.50 -17.89 4.28
N GLN A 66 5.36 -18.13 4.91
CA GLN A 66 4.09 -18.08 4.22
C GLN A 66 3.76 -16.62 3.98
N VAL A 67 3.33 -16.30 2.76
CA VAL A 67 3.11 -14.90 2.37
C VAL A 67 1.66 -14.76 1.92
N VAL A 68 0.97 -13.79 2.52
CA VAL A 68 -0.41 -13.48 2.14
C VAL A 68 -0.40 -12.03 1.72
N ALA A 69 -0.67 -11.78 0.43
CA ALA A 69 -0.72 -10.42 -0.08
C ALA A 69 -2.11 -10.14 -0.62
N PRO A 70 -2.97 -9.48 0.13
CA PRO A 70 -4.31 -9.20 -0.37
C PRO A 70 -4.33 -8.07 -1.39
N ASN A 71 -5.23 -8.19 -2.37
CA ASN A 71 -5.72 -7.00 -3.05
C ASN A 71 -6.59 -6.27 -2.04
N MET A 72 -6.24 -5.03 -1.72
CA MET A 72 -6.93 -4.35 -0.64
C MET A 72 -8.32 -3.90 -1.08
N LEU A 73 -9.11 -3.45 -0.11
CA LEU A 73 -10.49 -3.06 -0.40
C LEU A 73 -10.53 -2.09 -1.56
N GLY A 74 -11.40 -2.38 -2.53
CA GLY A 74 -11.55 -1.54 -3.70
C GLY A 74 -10.74 -1.95 -4.91
N TYR A 75 -9.84 -2.94 -4.78
CA TYR A 75 -8.85 -3.23 -5.81
C TYR A 75 -9.05 -4.62 -6.39
N ALA A 76 -8.90 -4.71 -7.72
CA ALA A 76 -8.79 -5.97 -8.44
C ALA A 76 -9.93 -6.93 -8.08
N GLY A 77 -9.60 -8.14 -7.62
CA GLY A 77 -10.67 -9.07 -7.29
C GLY A 77 -11.36 -8.88 -5.95
N THR A 78 -11.02 -7.83 -5.21
CA THR A 78 -11.61 -7.58 -3.90
C THR A 78 -12.80 -6.61 -4.01
N ASP A 79 -13.80 -6.82 -3.15
CA ASP A 79 -14.99 -5.98 -3.19
C ASP A 79 -14.65 -4.50 -2.99
N ALA A 80 -15.53 -3.64 -3.51
CA ALA A 80 -15.42 -2.20 -3.36
C ALA A 80 -16.73 -1.70 -2.77
N PRO A 81 -16.89 -1.75 -1.44
CA PRO A 81 -18.17 -1.35 -0.85
C PRO A 81 -18.52 0.09 -1.20
N ARG A 82 -19.82 0.39 -1.21
CA ARG A 82 -20.22 1.77 -1.45
C ARG A 82 -19.90 2.64 -0.23
N ASP A 83 -20.04 2.07 0.95
CA ASP A 83 -19.90 2.78 2.22
C ASP A 83 -18.45 3.19 2.46
N LEU A 84 -18.19 4.50 2.50
CA LEU A 84 -16.83 4.96 2.75
C LEU A 84 -16.31 4.56 4.13
N SER A 85 -17.18 4.28 5.09
CA SER A 85 -16.67 3.89 6.40
C SER A 85 -15.93 2.55 6.33
N GLN A 86 -16.16 1.77 5.27
CA GLN A 86 -15.39 0.53 5.10
C GLN A 86 -13.95 0.80 4.72
N PHE A 87 -13.63 2.00 4.23
CA PHE A 87 -12.30 2.32 3.75
C PHE A 87 -11.43 3.02 4.78
N THR A 88 -11.91 3.18 6.02
CA THR A 88 -11.07 3.81 7.02
C THR A 88 -9.89 2.92 7.39
N LEU A 89 -8.82 3.53 7.90
CA LEU A 89 -7.67 2.75 8.34
C LEU A 89 -8.07 1.76 9.42
N LYS A 90 -8.97 2.15 10.31
CA LYS A 90 -9.37 1.25 11.37
C LYS A 90 -10.12 0.04 10.83
N SER A 91 -11.04 0.27 9.89
CA SER A 91 -11.83 -0.84 9.38
C SER A 91 -10.97 -1.77 8.54
N VAL A 92 -10.11 -1.19 7.70
CA VAL A 92 -9.22 -2.03 6.90
C VAL A 92 -8.20 -2.75 7.78
N SER A 93 -7.79 -2.13 8.90
CA SER A 93 -6.93 -2.85 9.83
C SER A 93 -7.65 -4.05 10.41
N ALA A 94 -8.95 -3.91 10.71
CA ALA A 94 -9.70 -5.05 11.22
C ALA A 94 -9.87 -6.13 10.16
N ASP A 95 -10.08 -5.72 8.89
CA ASP A 95 -10.06 -6.69 7.81
C ASP A 95 -8.75 -7.47 7.81
N ILE A 96 -7.63 -6.75 7.89
CA ILE A 96 -6.32 -7.43 7.87
C ILE A 96 -6.21 -8.38 9.05
N ALA A 97 -6.66 -7.95 10.22
CA ALA A 97 -6.54 -8.81 11.41
C ALA A 97 -7.34 -10.11 11.24
N GLU A 98 -8.57 -10.00 10.71
CA GLU A 98 -9.37 -11.21 10.48
C GLU A 98 -8.77 -12.07 9.39
N LEU A 99 -8.31 -11.47 8.28
CA LEU A 99 -7.69 -12.26 7.23
C LEU A 99 -6.43 -12.95 7.74
N ALA A 100 -5.59 -12.21 8.49
CA ALA A 100 -4.38 -12.81 9.02
C ALA A 100 -4.70 -13.97 9.95
N ARG A 101 -5.70 -13.79 10.81
CA ARG A 101 -6.00 -14.86 11.74
C ARG A 101 -6.69 -16.03 11.08
N SER A 102 -7.25 -15.83 9.87
CA SER A 102 -7.78 -16.96 9.13
C SER A 102 -6.67 -17.89 8.66
N PHE A 103 -5.42 -17.43 8.70
CA PHE A 103 -4.27 -18.27 8.38
C PHE A 103 -3.50 -18.73 9.61
N VAL A 104 -3.26 -17.84 10.59
CA VAL A 104 -2.42 -18.20 11.73
C VAL A 104 -3.23 -18.58 12.96
N GLY A 105 -4.55 -18.59 12.86
CA GLY A 105 -5.42 -18.81 13.99
C GLY A 105 -5.61 -17.56 14.83
N GLN A 106 -6.64 -17.57 15.67
CA GLN A 106 -6.96 -16.35 16.42
C GLN A 106 -5.83 -15.97 17.37
N ASP A 107 -5.11 -16.96 17.90
CA ASP A 107 -3.99 -16.75 18.81
C ASP A 107 -2.67 -16.52 18.09
N GLY A 108 -2.65 -16.58 16.77
CA GLY A 108 -1.40 -16.48 16.05
C GLY A 108 -0.91 -15.06 15.89
N GLN A 109 0.32 -14.96 15.40
CA GLN A 109 0.91 -13.66 15.10
C GLN A 109 1.46 -13.67 13.70
N ILE A 110 1.63 -12.47 13.14
CA ILE A 110 2.16 -12.29 11.79
C ILE A 110 3.25 -11.25 11.78
N VAL A 111 4.04 -11.29 10.73
CA VAL A 111 4.83 -10.15 10.29
C VAL A 111 3.96 -9.38 9.33
N LEU A 112 3.95 -8.06 9.45
CA LEU A 112 3.06 -7.21 8.66
C LEU A 112 3.88 -6.14 7.95
N GLY A 113 3.76 -6.10 6.63
CA GLY A 113 4.50 -5.12 5.84
C GLY A 113 3.57 -4.35 4.93
N GLY A 114 3.92 -3.09 4.69
CA GLY A 114 3.08 -2.23 3.87
C GLY A 114 3.93 -1.31 3.03
N HIS A 115 3.31 -0.80 1.97
CA HIS A 115 3.90 0.21 1.11
C HIS A 115 2.83 1.24 0.78
N ASP A 116 3.20 2.52 0.79
CA ASP A 116 2.30 3.59 0.34
C ASP A 116 1.07 3.63 1.27
N TRP A 117 -0.16 3.64 0.74
CA TRP A 117 -1.33 3.57 1.62
C TRP A 117 -1.26 2.35 2.52
N GLY A 118 -0.70 1.25 2.01
CA GLY A 118 -0.53 0.06 2.84
C GLY A 118 0.39 0.28 4.01
N GLY A 119 1.37 1.17 3.87
CA GLY A 119 2.22 1.50 5.00
C GLY A 119 1.45 2.24 6.08
N ALA A 120 0.59 3.17 5.68
CA ALA A 120 -0.31 3.81 6.64
C ALA A 120 -1.20 2.78 7.32
N VAL A 121 -1.71 1.83 6.55
CA VAL A 121 -2.56 0.77 7.12
C VAL A 121 -1.79 -0.01 8.18
N VAL A 122 -0.55 -0.40 7.89
CA VAL A 122 0.10 -1.37 8.79
C VAL A 122 0.54 -0.71 10.09
N TRP A 123 0.89 0.58 10.06
CA TRP A 123 1.13 1.24 11.34
C TRP A 123 -0.14 1.26 12.18
N ARG A 124 -1.28 1.58 11.56
CA ARG A 124 -2.53 1.55 12.31
C ARG A 124 -2.89 0.13 12.76
N THR A 125 -2.64 -0.88 11.91
CA THR A 125 -2.94 -2.25 12.31
C THR A 125 -2.12 -2.66 13.52
N ALA A 126 -0.82 -2.33 13.54
CA ALA A 126 0.00 -2.67 14.70
C ALA A 126 -0.49 -1.93 15.95
N TYR A 127 -1.06 -0.74 15.76
CA TYR A 127 -1.62 0.03 16.86
C TYR A 127 -2.95 -0.57 17.34
N TYR A 128 -3.83 -0.90 16.40
CA TYR A 128 -5.14 -1.42 16.79
C TYR A 128 -5.09 -2.88 17.23
N HIS A 129 -4.10 -3.64 16.76
CA HIS A 129 -4.05 -5.09 16.95
C HIS A 129 -2.66 -5.53 17.40
N PRO A 130 -2.20 -5.02 18.55
CA PRO A 130 -0.86 -5.44 19.03
C PRO A 130 -0.81 -6.91 19.37
N GLU A 131 -1.95 -7.52 19.72
CA GLU A 131 -1.96 -8.95 20.00
C GLU A 131 -1.49 -9.77 18.81
N LEU A 132 -1.71 -9.26 17.60
CA LEU A 132 -1.50 -9.99 16.36
C LEU A 132 -0.14 -9.72 15.72
N VAL A 133 0.39 -8.51 15.84
CA VAL A 133 1.49 -8.07 14.98
C VAL A 133 2.80 -8.22 15.74
N LYS A 134 3.58 -9.22 15.33
CA LYS A 134 4.86 -9.58 15.94
C LYS A 134 5.99 -8.67 15.48
N ALA A 135 5.88 -8.13 14.26
CA ALA A 135 6.89 -7.27 13.67
C ALA A 135 6.22 -6.55 12.50
N VAL A 136 6.57 -5.29 12.27
CA VAL A 136 5.86 -4.48 11.29
C VAL A 136 6.86 -3.63 10.52
N PHE A 137 6.68 -3.54 9.20
CA PHE A 137 7.53 -2.66 8.42
C PHE A 137 6.71 -1.90 7.38
N SER A 138 7.21 -0.72 7.03
CA SER A 138 6.60 0.13 6.01
C SER A 138 7.69 0.58 5.06
N VAL A 139 7.38 0.54 3.76
CA VAL A 139 8.25 1.10 2.74
C VAL A 139 7.64 2.42 2.29
N CYS A 140 8.44 3.48 2.33
CA CYS A 140 8.08 4.84 1.91
C CYS A 140 7.23 5.61 2.92
N THR A 141 6.24 4.98 3.52
CA THR A 141 5.26 5.73 4.32
C THR A 141 5.71 5.80 5.78
N PRO A 142 6.02 6.98 6.30
CA PRO A 142 6.38 7.10 7.71
C PRO A 142 5.12 7.13 8.57
N LEU A 143 5.34 7.15 9.87
CA LEU A 143 4.24 7.17 10.83
C LEU A 143 3.62 8.57 10.90
N HIS A 144 2.31 8.63 10.85
CA HIS A 144 1.75 9.92 11.21
C HIS A 144 1.06 9.82 12.57
N PRO A 145 1.10 10.88 13.37
CA PRO A 145 0.49 10.82 14.71
C PRO A 145 -1.02 10.71 14.62
N LEU A 146 -1.61 10.26 15.72
CA LEU A 146 -3.07 10.24 15.83
C LEU A 146 -3.63 11.63 15.59
N SER A 147 -4.61 11.72 14.69
CA SER A 147 -5.23 12.99 14.37
C SER A 147 -5.97 13.53 15.59
N ALA A 148 -5.57 14.70 16.06
CA ALA A 148 -6.30 15.39 17.13
C ALA A 148 -7.29 16.40 16.60
N GLU A 149 -7.18 16.75 15.32
CA GLU A 149 -8.03 17.75 14.69
C GLU A 149 -8.38 17.27 13.30
N TYR A 150 -9.39 17.88 12.71
CA TYR A 150 -9.71 17.67 11.31
C TYR A 150 -9.80 19.01 10.61
N LYS A 151 -9.07 19.15 9.53
CA LYS A 151 -9.23 20.32 8.70
C LYS A 151 -9.22 19.86 7.25
N PRO A 152 -10.20 20.29 6.44
CA PRO A 152 -10.25 19.84 5.05
C PRO A 152 -8.93 20.13 4.36
N LEU A 153 -8.51 19.20 3.49
CA LEU A 153 -7.25 19.40 2.78
C LEU A 153 -7.30 20.65 1.92
N GLU A 154 -8.49 20.99 1.40
CA GLU A 154 -8.65 22.21 0.62
C GLU A 154 -8.13 23.43 1.38
N ASP A 155 -8.45 23.52 2.66
CA ASP A 155 -8.01 24.68 3.44
C ASP A 155 -6.54 24.60 3.78
N ILE A 156 -6.04 23.38 3.97
CA ILE A 156 -4.61 23.20 4.25
C ILE A 156 -3.78 23.68 3.06
N VAL A 157 -4.10 23.22 1.85
CA VAL A 157 -3.27 23.63 0.72
C VAL A 157 -3.56 25.09 0.35
N ALA A 158 -4.78 25.57 0.62
CA ALA A 158 -5.05 26.98 0.33
C ALA A 158 -4.25 27.90 1.24
N ALA A 159 -3.81 27.40 2.39
CA ALA A 159 -2.91 28.13 3.28
C ALA A 159 -1.45 27.95 2.93
N GLY A 160 -1.14 27.21 1.88
CA GLY A 160 0.24 27.03 1.45
C GLY A 160 0.95 25.87 2.10
N HIS A 161 0.22 24.97 2.76
CA HIS A 161 0.82 23.87 3.49
C HIS A 161 0.51 22.54 2.82
N MET A 162 1.37 21.55 3.08
CA MET A 162 1.21 20.20 2.55
C MET A 162 0.99 20.22 1.04
N LEU A 163 1.73 21.09 0.35
CA LEU A 163 1.49 21.27 -1.08
C LEU A 163 1.87 20.05 -1.90
N ASN A 164 2.76 19.20 -1.39
CA ASN A 164 3.09 17.97 -2.07
C ASN A 164 1.95 16.96 -2.07
N PHE A 165 0.87 17.24 -1.34
CA PHE A 165 -0.29 16.38 -1.31
C PHE A 165 -1.46 16.93 -2.11
N LYS A 166 -1.26 18.00 -2.88
CA LYS A 166 -2.42 18.65 -3.49
C LYS A 166 -3.10 17.77 -4.54
N TYR A 167 -2.37 16.82 -5.13
CA TYR A 167 -2.98 15.89 -6.09
C TYR A 167 -4.15 15.13 -5.48
N GLN A 168 -4.20 14.99 -4.15
CA GLN A 168 -5.26 14.23 -3.52
C GLN A 168 -6.61 14.89 -3.65
N LEU A 169 -6.65 16.21 -3.87
CA LEU A 169 -7.91 16.86 -4.16
C LEU A 169 -8.50 16.30 -5.44
N GLN A 170 -7.70 16.26 -6.52
CA GLN A 170 -8.22 15.71 -7.75
C GLN A 170 -8.63 14.25 -7.58
N LEU A 171 -7.80 13.47 -6.88
CA LEU A 171 -8.12 12.06 -6.76
C LEU A 171 -9.44 11.85 -6.02
N LYS A 172 -9.71 12.64 -4.99
CA LYS A 172 -10.92 12.39 -4.20
C LYS A 172 -12.18 12.91 -4.88
N GLY A 173 -12.04 13.80 -5.86
CA GLY A 173 -13.18 14.35 -6.56
C GLY A 173 -13.66 13.43 -7.64
N PRO A 174 -14.42 13.97 -8.60
CA PRO A 174 -15.02 13.14 -9.64
C PRO A 174 -14.16 12.89 -10.87
N ASP A 175 -13.08 13.63 -11.09
CA ASP A 175 -12.50 13.73 -12.42
C ASP A 175 -11.79 12.45 -12.84
N VAL A 176 -10.91 11.92 -11.99
CA VAL A 176 -10.20 10.69 -12.36
C VAL A 176 -11.19 9.53 -12.46
N GLU A 177 -12.10 9.44 -11.49
CA GLU A 177 -13.08 8.35 -11.51
C GLU A 177 -13.90 8.39 -12.77
N ALA A 178 -14.32 9.59 -13.21
CA ALA A 178 -15.17 9.68 -14.39
C ALA A 178 -14.40 9.41 -15.67
N ARG A 179 -13.18 9.94 -15.77
CA ARG A 179 -12.49 9.90 -17.04
C ARG A 179 -11.67 8.62 -17.24
N ILE A 180 -11.20 8.00 -16.16
CA ILE A 180 -10.37 6.80 -16.34
C ILE A 180 -11.25 5.57 -16.21
N GLN A 181 -11.96 5.23 -17.27
CA GLN A 181 -12.84 4.07 -17.29
C GLN A 181 -12.54 3.24 -18.52
N GLY A 182 -12.64 1.92 -18.37
CA GLY A 182 -12.38 1.01 -19.46
C GLY A 182 -10.90 0.69 -19.59
N LYS A 183 -10.61 -0.40 -20.31
CA LYS A 183 -9.24 -0.89 -20.33
C LYS A 183 -8.30 0.09 -21.02
N ASP A 184 -8.75 0.74 -22.08
CA ASP A 184 -7.84 1.59 -22.83
C ASP A 184 -7.42 2.82 -22.03
N MET A 185 -8.36 3.41 -21.28
CA MET A 185 -7.99 4.51 -20.41
C MET A 185 -7.19 4.02 -19.21
N LEU A 186 -7.51 2.84 -18.67
CA LEU A 186 -6.71 2.30 -17.57
C LEU A 186 -5.27 2.11 -18.02
N ARG A 187 -5.07 1.62 -19.23
CA ARG A 187 -3.71 1.41 -19.70
C ARG A 187 -2.94 2.73 -19.77
N ARG A 188 -3.57 3.77 -20.30
CA ARG A 188 -2.92 5.08 -20.37
C ARG A 188 -2.62 5.60 -18.97
N PHE A 189 -3.57 5.43 -18.05
CA PHE A 189 -3.37 5.81 -16.66
C PHE A 189 -2.16 5.11 -16.08
N PHE A 190 -2.03 3.81 -16.30
CA PHE A 190 -0.89 3.10 -15.72
C PHE A 190 0.42 3.50 -16.36
N ARG A 191 0.41 3.78 -17.66
CA ARG A 191 1.63 4.33 -18.26
C ARG A 191 2.05 5.60 -17.56
N ALA A 192 1.10 6.47 -17.26
CA ALA A 192 1.42 7.71 -16.56
C ALA A 192 1.92 7.42 -15.14
N MET A 193 1.21 6.56 -14.40
CA MET A 193 1.52 6.42 -12.99
C MET A 193 2.82 5.67 -12.74
N PHE A 194 3.32 4.95 -13.73
CA PHE A 194 4.57 4.22 -13.58
C PHE A 194 5.68 4.78 -14.47
N GLY A 195 5.63 6.09 -14.72
CA GLY A 195 6.76 6.84 -15.23
C GLY A 195 6.75 7.17 -16.71
N GLY A 196 5.71 6.79 -17.45
CA GLY A 196 5.69 7.10 -18.87
C GLY A 196 5.67 8.60 -19.12
N ARG A 197 6.18 8.99 -20.28
CA ARG A 197 6.27 10.40 -20.64
C ARG A 197 5.66 10.65 -22.02
N GLY A 198 5.24 11.89 -22.23
CA GLY A 198 4.73 12.30 -23.50
C GLY A 198 5.84 12.44 -24.53
N PRO A 199 5.47 12.88 -25.73
CA PRO A 199 6.46 12.99 -26.81
C PRO A 199 7.60 13.94 -26.52
N ASN A 200 7.36 14.99 -25.73
CA ASN A 200 8.40 15.93 -25.34
C ASN A 200 8.80 15.78 -23.86
N GLY A 201 8.54 14.61 -23.27
CA GLY A 201 8.92 14.35 -21.89
C GLY A 201 7.98 14.87 -20.83
N GLU A 202 6.76 15.26 -21.19
CA GLU A 202 5.83 15.73 -20.18
C GLU A 202 5.36 14.56 -19.31
N ALA A 203 5.25 14.80 -18.02
CA ALA A 203 4.76 13.80 -17.11
C ALA A 203 3.25 13.65 -17.25
N GLY A 204 2.75 12.45 -16.94
CA GLY A 204 1.34 12.17 -16.93
C GLY A 204 0.67 12.37 -15.60
N PHE A 205 1.45 12.72 -14.58
CA PHE A 205 0.96 12.89 -13.22
C PHE A 205 1.87 13.87 -12.50
N SER A 206 1.30 14.70 -11.63
CA SER A 206 2.09 15.55 -10.78
C SER A 206 1.50 15.57 -9.38
N THR A 207 2.35 15.81 -8.39
CA THR A 207 1.85 15.92 -7.03
C THR A 207 1.09 17.21 -6.81
N SER A 208 1.21 18.16 -7.73
CA SER A 208 0.45 19.41 -7.59
C SER A 208 -0.96 19.27 -8.16
N ASP A 209 -1.10 18.64 -9.33
CA ASP A 209 -2.38 18.62 -10.03
C ASP A 209 -2.94 17.24 -10.30
N GLY A 210 -2.22 16.17 -9.96
CA GLY A 210 -2.77 14.85 -10.17
C GLY A 210 -2.58 14.35 -11.60
N VAL A 211 -3.55 13.60 -12.09
CA VAL A 211 -3.47 13.02 -13.43
C VAL A 211 -3.63 14.12 -14.47
N HIS A 212 -2.69 14.18 -15.42
CA HIS A 212 -2.76 15.15 -16.52
C HIS A 212 -3.49 14.48 -17.69
N PHE A 213 -4.82 14.62 -17.73
CA PHE A 213 -5.60 13.89 -18.72
C PHE A 213 -5.18 14.17 -20.16
N ASP A 214 -4.75 15.39 -20.46
CA ASP A 214 -4.42 15.67 -21.85
C ASP A 214 -3.13 15.02 -22.32
N VAL A 215 -2.23 14.68 -21.38
CA VAL A 215 -1.02 13.94 -21.72
C VAL A 215 -1.32 12.47 -22.02
N LEU A 216 -2.41 11.92 -21.48
CA LEU A 216 -2.60 10.48 -21.47
C LEU A 216 -2.68 9.87 -22.87
N ASP A 217 -3.21 10.59 -23.86
CA ASP A 217 -3.31 9.97 -25.18
C ASP A 217 -1.95 9.85 -25.87
N LYS A 218 -0.96 10.64 -25.45
CA LYS A 218 0.35 10.58 -26.07
C LYS A 218 1.42 10.02 -25.13
N ILE A 219 1.02 9.44 -24.00
CA ILE A 219 2.01 8.98 -23.03
C ILE A 219 2.65 7.69 -23.52
N GLY A 220 3.97 7.59 -23.36
CA GLY A 220 4.72 6.46 -23.85
C GLY A 220 4.80 5.34 -22.82
N ALA A 221 5.64 4.35 -23.15
CA ALA A 221 5.73 3.16 -22.30
C ALA A 221 6.32 3.52 -20.94
N PRO A 222 5.83 2.93 -19.86
CA PRO A 222 6.36 3.22 -18.53
C PRO A 222 7.68 2.49 -18.31
N PRO A 223 8.70 3.18 -17.78
CA PRO A 223 9.97 2.49 -17.48
C PRO A 223 9.86 1.50 -16.34
N LEU A 224 8.83 1.59 -15.51
CA LEU A 224 8.75 0.78 -14.30
C LEU A 224 7.81 -0.40 -14.41
N LEU A 225 7.25 -0.66 -15.60
CA LEU A 225 6.45 -1.85 -15.87
C LEU A 225 6.83 -2.38 -17.24
N ASP A 226 7.07 -3.68 -17.37
CA ASP A 226 7.18 -4.19 -18.71
C ASP A 226 5.79 -4.36 -19.32
N GLU A 227 5.75 -4.74 -20.60
CA GLU A 227 4.47 -4.74 -21.32
C GLU A 227 3.46 -5.70 -20.69
N GLN A 228 3.91 -6.89 -20.29
CA GLN A 228 2.94 -7.83 -19.72
C GLN A 228 2.54 -7.44 -18.30
N GLU A 229 3.44 -6.80 -17.55
CA GLU A 229 3.06 -6.26 -16.25
C GLU A 229 2.01 -5.17 -16.40
N LEU A 230 2.27 -4.24 -17.32
CA LEU A 230 1.29 -3.20 -17.61
C LEU A 230 -0.07 -3.79 -17.94
N GLU A 231 -0.10 -4.80 -18.81
CA GLU A 231 -1.38 -5.36 -19.21
C GLU A 231 -2.07 -6.08 -18.04
N TYR A 232 -1.29 -6.68 -17.13
CA TYR A 232 -1.90 -7.35 -15.98
C TYR A 232 -2.56 -6.34 -15.04
N TYR A 233 -1.91 -5.21 -14.81
CA TYR A 233 -2.53 -4.14 -14.04
C TYR A 233 -3.84 -3.71 -14.68
N VAL A 234 -3.85 -3.57 -16.01
CA VAL A 234 -5.07 -3.18 -16.72
C VAL A 234 -6.14 -4.24 -16.51
N GLU A 235 -5.80 -5.50 -16.75
CA GLU A 235 -6.77 -6.59 -16.63
C GLU A 235 -7.34 -6.68 -15.22
N GLN A 236 -6.46 -6.58 -14.21
CA GLN A 236 -6.92 -6.74 -12.84
C GLN A 236 -7.76 -5.56 -12.39
N TYR A 237 -7.36 -4.34 -12.76
CA TYR A 237 -8.17 -3.18 -12.42
C TYR A 237 -9.52 -3.24 -13.13
N ALA A 238 -9.56 -3.83 -14.33
CA ALA A 238 -10.81 -3.95 -15.07
C ALA A 238 -11.78 -4.93 -14.46
N LEU A 239 -11.37 -5.69 -13.44
CA LEU A 239 -12.33 -6.54 -12.73
C LEU A 239 -13.34 -5.72 -11.94
N GLN A 240 -12.97 -4.51 -11.53
CA GLN A 240 -13.84 -3.64 -10.77
C GLN A 240 -15.02 -3.19 -11.63
N GLU A 241 -16.16 -2.98 -10.98
CA GLU A 241 -17.32 -2.46 -11.66
C GLU A 241 -17.06 -1.03 -12.10
N ALA A 242 -17.61 -0.65 -13.26
CA ALA A 242 -17.46 0.73 -13.72
C ALA A 242 -18.18 1.64 -12.73
N PRO A 243 -17.58 2.81 -12.39
CA PRO A 243 -16.25 3.27 -12.79
C PRO A 243 -15.20 2.52 -12.03
N GLU A 244 -14.21 1.98 -12.74
CA GLU A 244 -13.27 1.03 -12.13
C GLU A 244 -12.46 1.66 -11.02
N LEU A 245 -12.18 2.97 -11.08
CA LEU A 245 -11.31 3.56 -10.07
C LEU A 245 -12.07 4.02 -8.82
N ARG A 246 -13.38 3.75 -8.71
CA ARG A 246 -14.11 4.20 -7.53
C ARG A 246 -13.50 3.61 -6.26
N GLY A 247 -13.26 2.31 -6.24
CA GLY A 247 -12.70 1.66 -5.08
C GLY A 247 -11.35 2.21 -4.66
N PRO A 248 -10.40 2.20 -5.59
CA PRO A 248 -9.07 2.75 -5.25
C PRO A 248 -9.14 4.20 -4.81
N LEU A 249 -9.95 5.01 -5.50
CA LEU A 249 -10.02 6.43 -5.15
C LEU A 249 -10.75 6.66 -3.84
N ASN A 250 -11.59 5.71 -3.40
CA ASN A 250 -12.23 5.85 -2.09
C ASN A 250 -11.21 6.01 -0.97
N TRP A 251 -9.98 5.53 -1.16
CA TRP A 251 -8.97 5.68 -0.13
C TRP A 251 -8.63 7.14 0.14
N TYR A 252 -8.87 8.03 -0.82
CA TYR A 252 -8.60 9.45 -0.64
C TYR A 252 -9.81 10.21 -0.12
N ARG A 253 -10.90 9.50 0.16
CA ARG A 253 -12.16 10.11 0.55
C ARG A 253 -12.46 9.94 2.03
N THR A 254 -11.49 9.49 2.81
CA THR A 254 -11.70 9.07 4.20
C THR A 254 -11.03 9.99 5.22
N ARG A 255 -10.53 11.16 4.80
CA ARG A 255 -9.78 12.00 5.73
C ARG A 255 -10.61 12.34 6.97
N GLU A 256 -11.87 12.71 6.76
CA GLU A 256 -12.69 13.09 7.90
C GLU A 256 -13.06 11.87 8.75
N LEU A 257 -13.40 10.76 8.08
CA LEU A 257 -13.75 9.55 8.83
C LEU A 257 -12.58 9.06 9.67
N ASN A 258 -11.37 9.06 9.08
CA ASN A 258 -10.18 8.66 9.83
C ASN A 258 -9.92 9.60 10.99
N ALA A 259 -10.07 10.90 10.77
CA ALA A 259 -9.86 11.87 11.85
C ALA A 259 -10.82 11.61 13.00
N LYS A 260 -12.09 11.35 12.68
CA LYS A 260 -13.06 11.07 13.74
C LYS A 260 -12.68 9.81 14.52
N ASP A 261 -12.20 8.77 13.83
CA ASP A 261 -11.74 7.58 14.54
C ASP A 261 -10.60 7.90 15.49
N GLU A 262 -9.68 8.79 15.09
CA GLU A 262 -8.45 8.93 15.83
C GLU A 262 -8.48 10.06 16.85
N MET A 263 -9.32 11.09 16.64
CA MET A 263 -9.52 12.08 17.68
C MET A 263 -10.03 11.41 18.95
N ASP A 264 -10.86 10.38 18.78
CA ASP A 264 -11.26 9.53 19.88
C ASP A 264 -10.06 8.84 20.51
N ARG A 265 -9.34 8.02 19.73
CA ARG A 265 -8.17 7.33 20.28
CA ARG A 265 -8.18 7.32 20.28
C ARG A 265 -7.16 8.29 20.87
N ALA A 266 -7.07 9.51 20.32
CA ALA A 266 -6.11 10.46 20.85
C ALA A 266 -6.54 11.04 22.20
N LYS A 267 -7.83 10.95 22.57
CA LYS A 267 -8.26 11.44 23.89
C LYS A 267 -8.38 10.29 24.89
N ASN A 268 -9.20 9.27 24.59
CA ASN A 268 -9.33 8.12 25.50
C ASN A 268 -8.27 7.06 25.24
N GLY A 269 -8.21 6.56 24.00
CA GLY A 269 -7.42 5.42 23.65
C GLY A 269 -5.95 5.56 23.99
N PRO A 270 -5.21 4.45 23.92
CA PRO A 270 -3.80 4.47 24.28
C PRO A 270 -3.01 5.33 23.31
N PRO A 271 -1.84 5.80 23.71
CA PRO A 271 -1.01 6.57 22.78
C PRO A 271 -0.40 5.67 21.71
N LEU A 272 -0.01 6.31 20.60
CA LEU A 272 0.74 5.63 19.57
C LEU A 272 2.08 5.18 20.14
N ARG A 273 2.29 3.88 20.21
CA ARG A 273 3.50 3.34 20.81
C ARG A 273 3.68 1.92 20.30
N PHE A 274 4.79 1.65 19.63
CA PHE A 274 5.06 0.36 19.01
C PHE A 274 6.15 -0.35 19.81
N GLU A 275 5.75 -1.33 20.62
CA GLU A 275 6.72 -2.12 21.38
C GLU A 275 7.33 -3.23 20.54
N MET A 276 6.68 -3.65 19.46
CA MET A 276 7.22 -4.73 18.66
C MET A 276 8.28 -4.19 17.70
N PRO A 277 9.18 -5.04 17.23
CA PRO A 277 10.18 -4.59 16.26
C PRO A 277 9.52 -4.00 15.03
N ALA A 278 10.07 -2.89 14.57
CA ALA A 278 9.54 -2.15 13.43
C ALA A 278 10.67 -1.75 12.51
N LEU A 279 10.37 -1.70 11.21
CA LEU A 279 11.32 -1.29 10.18
C LEU A 279 10.66 -0.24 9.29
N PHE A 280 11.38 0.84 9.02
CA PHE A 280 10.93 1.85 8.07
C PHE A 280 11.97 1.97 6.96
N VAL A 281 11.55 1.74 5.73
CA VAL A 281 12.42 1.81 4.57
C VAL A 281 12.03 3.06 3.77
N ALA A 282 12.90 4.08 3.79
CA ALA A 282 12.64 5.27 3.02
C ALA A 282 13.12 5.09 1.57
N ALA A 283 12.58 5.91 0.67
CA ALA A 283 12.98 5.94 -0.72
C ALA A 283 13.48 7.33 -1.08
N SER A 284 14.74 7.42 -1.51
CA SER A 284 15.40 8.71 -1.69
C SER A 284 14.61 9.65 -2.59
N LYS A 285 14.09 9.15 -3.71
CA LYS A 285 13.52 9.98 -4.76
C LYS A 285 12.01 9.94 -4.80
N ASP A 286 11.36 9.58 -3.69
CA ASP A 286 9.90 9.63 -3.63
C ASP A 286 9.48 11.07 -3.36
N ASN A 287 8.80 11.69 -4.33
CA ASN A 287 8.45 13.10 -4.18
C ASN A 287 7.17 13.31 -3.40
N ALA A 288 6.29 12.29 -3.35
CA ALA A 288 5.13 12.38 -2.47
C ALA A 288 5.51 12.08 -1.02
N LEU A 289 6.42 11.12 -0.82
CA LEU A 289 6.78 10.65 0.51
C LEU A 289 8.29 10.76 0.69
N PRO A 290 8.83 11.98 0.76
CA PRO A 290 10.28 12.14 0.84
C PRO A 290 10.79 11.68 2.20
N PRO A 291 12.02 11.15 2.26
CA PRO A 291 12.59 10.71 3.55
C PRO A 291 12.47 11.73 4.67
N ALA A 292 12.56 13.03 4.35
CA ALA A 292 12.50 14.06 5.38
C ALA A 292 11.20 14.03 6.18
N MET A 293 10.11 13.50 5.62
CA MET A 293 8.83 13.47 6.31
C MET A 293 8.83 12.53 7.52
N SER A 294 9.82 11.64 7.63
CA SER A 294 9.91 10.70 8.74
C SER A 294 10.68 11.26 9.93
N LYS A 295 10.87 12.59 9.99
CA LYS A 295 11.84 13.19 10.90
C LYS A 295 11.57 12.83 12.36
N GLY A 296 10.38 13.12 12.86
CA GLY A 296 10.12 12.97 14.28
C GLY A 296 9.57 11.63 14.71
N MET A 297 9.72 10.61 13.87
CA MET A 297 8.93 9.39 14.02
C MET A 297 9.55 8.38 14.97
N ASP A 298 10.85 8.47 15.23
CA ASP A 298 11.51 7.45 16.05
C ASP A 298 11.04 7.44 17.50
N ALA A 299 10.51 8.56 18.00
CA ALA A 299 10.12 8.62 19.40
C ALA A 299 8.96 7.68 19.73
N PHE A 300 8.20 7.25 18.73
CA PHE A 300 7.04 6.40 18.95
C PHE A 300 7.38 4.92 19.00
N TYR A 301 8.65 4.55 18.87
CA TYR A 301 9.05 3.15 18.74
C TYR A 301 10.05 2.77 19.82
N LYS A 302 9.82 1.62 20.45
CA LYS A 302 10.84 1.02 21.29
C LYS A 302 11.98 0.45 20.46
N ASP A 303 11.69 -0.01 19.25
CA ASP A 303 12.63 -0.82 18.48
C ASP A 303 12.39 -0.59 16.98
N LEU A 304 12.75 0.60 16.51
CA LEU A 304 12.62 0.96 15.10
C LEU A 304 13.96 0.85 14.40
N THR A 305 14.00 0.07 13.33
CA THR A 305 15.13 0.01 12.43
C THR A 305 14.85 0.90 11.22
N ARG A 306 15.84 1.69 10.80
CA ARG A 306 15.70 2.58 9.67
C ARG A 306 16.59 2.13 8.52
N ALA A 307 16.08 2.28 7.30
CA ALA A 307 16.87 2.02 6.11
C ALA A 307 16.43 3.01 5.04
N GLU A 308 17.30 3.25 4.07
CA GLU A 308 16.96 4.05 2.91
C GLU A 308 17.47 3.36 1.66
N VAL A 309 16.64 3.35 0.62
CA VAL A 309 17.02 2.77 -0.66
C VAL A 309 16.93 3.87 -1.71
N ASP A 310 17.79 3.75 -2.72
CA ASP A 310 17.94 4.78 -3.75
C ASP A 310 16.96 4.47 -4.87
N ALA A 311 15.73 4.94 -4.71
CA ALA A 311 14.70 4.64 -5.70
C ALA A 311 13.60 5.68 -5.61
N THR A 312 12.77 5.69 -6.64
CA THR A 312 11.57 6.53 -6.68
C THR A 312 10.50 5.91 -5.78
N HIS A 313 9.28 6.41 -5.92
CA HIS A 313 8.16 5.91 -5.12
C HIS A 313 7.99 4.40 -5.25
N TRP A 314 8.21 3.86 -6.45
CA TRP A 314 7.97 2.45 -6.74
C TRP A 314 9.18 1.60 -6.33
N ALA A 315 9.47 1.67 -5.04
CA ALA A 315 10.72 1.12 -4.52
C ALA A 315 10.68 -0.39 -4.44
N LEU A 316 9.50 -0.99 -4.23
CA LEU A 316 9.40 -2.44 -4.12
C LEU A 316 9.90 -3.14 -5.37
N THR A 317 9.74 -2.50 -6.52
CA THR A 317 10.09 -3.08 -7.80
C THR A 317 11.41 -2.52 -8.32
N GLN A 318 11.52 -1.19 -8.36
CA GLN A 318 12.73 -0.57 -8.88
C GLN A 318 13.97 -0.92 -8.07
N ALA A 319 13.82 -1.10 -6.76
CA ALA A 319 14.92 -1.49 -5.88
C ALA A 319 14.59 -2.81 -5.19
N GLY A 320 13.95 -3.72 -5.93
CA GLY A 320 13.41 -4.92 -5.32
C GLY A 320 14.44 -5.75 -4.60
N ASP A 321 15.61 -5.96 -5.23
CA ASP A 321 16.64 -6.77 -4.59
C ASP A 321 17.17 -6.12 -3.32
N GLU A 322 17.39 -4.81 -3.36
CA GLU A 322 17.87 -4.12 -2.17
C GLU A 322 16.82 -4.09 -1.08
N VAL A 323 15.55 -3.83 -1.44
CA VAL A 323 14.47 -3.87 -0.46
C VAL A 323 14.37 -5.26 0.16
N ASN A 324 14.46 -6.30 -0.68
CA ASN A 324 14.41 -7.67 -0.18
C ASN A 324 15.46 -7.90 0.89
N ARG A 325 16.70 -7.46 0.65
CA ARG A 325 17.74 -7.80 1.61
C ARG A 325 17.62 -6.94 2.87
N VAL A 326 17.16 -5.70 2.75
CA VAL A 326 16.88 -4.91 3.95
C VAL A 326 15.84 -5.62 4.82
N ILE A 327 14.76 -6.10 4.20
CA ILE A 327 13.70 -6.77 4.96
C ILE A 327 14.22 -8.08 5.54
N GLY A 328 14.91 -8.87 4.73
CA GLY A 328 15.40 -10.16 5.19
C GLY A 328 16.38 -10.03 6.34
N GLU A 329 17.31 -9.08 6.25
CA GLU A 329 18.26 -8.91 7.35
C GLU A 329 17.58 -8.40 8.61
N TRP A 330 16.62 -7.47 8.45
CA TRP A 330 15.89 -7.00 9.61
C TRP A 330 15.10 -8.12 10.26
N LEU A 331 14.47 -8.99 9.45
CA LEU A 331 13.71 -10.11 10.01
C LEU A 331 14.61 -11.06 10.80
N ASN A 332 15.85 -11.25 10.33
CA ASN A 332 16.80 -12.07 11.08
C ASN A 332 16.97 -11.54 12.49
N LYS A 333 17.11 -10.21 12.61
CA LYS A 333 17.26 -9.57 13.91
C LYS A 333 15.92 -9.51 14.64
N ALA A 334 14.85 -9.17 13.93
CA ALA A 334 13.56 -8.91 14.58
C ALA A 334 12.93 -10.16 15.14
N LEU A 335 13.04 -11.28 14.44
CA LEU A 335 12.34 -12.49 14.85
C LEU A 335 13.17 -13.39 15.75
N GLY A 336 14.49 -13.29 15.66
CA GLY A 336 15.38 -14.11 16.46
C GLY A 336 16.19 -13.30 17.45
C22 AUB B . 5.79 7.98 -9.11
C24 AUB B . 4.56 8.69 -11.06
C21 AUB B . 4.68 8.23 -8.31
C25 AUB B . 3.46 8.95 -10.27
C23 AUB B . 5.72 8.21 -10.47
C20 AUB B . 3.51 8.71 -8.90
C28 AUB B . 6.92 7.94 -11.37
C26 AUB B . -0.13 8.38 -2.07
C14 AUB B . 1.33 9.32 -4.59
C12 AUB B . 1.12 6.93 -5.32
C15 AUB B . 1.79 9.73 -5.99
C17 AUB B . 1.48 7.34 -6.75
C6 AUB B . 0.73 8.95 3.11
C9 AUB B . -1.63 8.02 3.06
C4 AUB B . -1.27 10.34 2.36
C2 AUB B . 0.09 7.15 1.54
C10 AUB B . 0.58 9.45 0.87
C8 AUB B . -1.77 8.56 0.70
C1 AUB B . -0.12 7.67 2.93
C5 AUB B . 0.17 10.15 2.22
C3 AUB B . -2.05 9.08 2.02
C13 AUB B . 0.45 8.06 -4.53
C16 AUB B . 2.37 8.57 -6.82
C7 AUB B . -0.30 8.26 0.54
N18 AUB B . 0.54 7.68 -3.14
N11 AUB B . 0.13 7.80 -0.76
O29 AUB B . 6.92 8.43 -12.52
O27 AUB B . -0.86 9.30 -2.27
O30 AUB B . 7.89 7.27 -10.95
O19 AUB B . 2.36 9.00 -8.16
#